data_8FZ8
#
_entry.id   8FZ8
#
_cell.length_a   35.980
_cell.length_b   97.850
_cell.length_c   52.500
_cell.angle_alpha   90.00
_cell.angle_beta   95.12
_cell.angle_gamma   90.00
#
_symmetry.space_group_name_H-M   'P 1 21 1'
#
loop_
_entity.id
_entity.type
_entity.pdbx_description
1 polymer 'Cytochrome P450'
2 non-polymer 'PROTOPORPHYRIN IX CONTAINING FE'
3 non-polymer 'OCTANOIC ACID (CAPRYLIC ACID)'
4 water water
#
_entity_poly.entity_id   1
_entity_poly.type   'polypeptide(L)'
_entity_poly.pdbx_seq_one_letter_code
;MAAGGALSKYWMFSDEYTQNPYPIFSTLRSEQPVTMVQTPDGARAWVITRHEDVRNALADPRLSRDIGNLYQALGRQIGK
ELKPTDEITHHLANSDPPRHTRLRKALVFAFTPKRVANMRPRLEQVVEGLLDELAAQHQPDLLEGLAEPLPIIAIAQLLG
VPDSDWRQFKIWSNTMRSTDAADPTGLLAEHTRELSAYMADLIAEKERHPTDDLISAMVHAEGDKQLTPKEILSTAFALM
TGGNETTTALVTGCFAALLTHPEQAKRLKADLDRLPQVVDELIRFSSPMLYTLQRLTLEDVEIAGTTIPAGEILMLSPAS
ANHDPEALPDRPDELDIDRPRPVHLTFGHGIHYCIGSHLARAQAEISIRRVLERFPDVRLAVHPSELRYRPALLARAPVA
LPVRL
;
_entity_poly.pdbx_strand_id   A
#
# COMPACT_ATOMS: atom_id res chain seq x y z
N MET A 12 -8.00 -14.82 -17.06
CA MET A 12 -8.58 -14.21 -15.87
C MET A 12 -8.67 -12.69 -15.97
N PHE A 13 -7.54 -12.06 -16.28
CA PHE A 13 -7.40 -10.60 -16.26
C PHE A 13 -8.30 -9.92 -17.30
N SER A 14 -9.60 -10.25 -17.31
CA SER A 14 -10.56 -9.67 -18.24
C SER A 14 -11.03 -8.31 -17.71
N ASP A 15 -11.83 -7.60 -18.51
CA ASP A 15 -12.36 -6.32 -18.04
C ASP A 15 -13.33 -6.51 -16.89
N GLU A 16 -14.17 -7.54 -16.96
CA GLU A 16 -15.10 -7.80 -15.86
C GLU A 16 -14.34 -8.02 -14.56
N TYR A 17 -13.24 -8.79 -14.61
CA TYR A 17 -12.38 -8.95 -13.45
C TYR A 17 -11.80 -7.62 -12.98
N THR A 18 -11.33 -6.81 -13.93
CA THR A 18 -10.76 -5.51 -13.58
C THR A 18 -11.75 -4.64 -12.82
N GLN A 19 -13.02 -4.64 -13.24
CA GLN A 19 -14.02 -3.77 -12.64
C GLN A 19 -14.64 -4.37 -11.37
N ASN A 20 -14.74 -5.69 -11.30
CA ASN A 20 -15.38 -6.32 -10.15
C ASN A 20 -14.87 -7.75 -10.04
N PRO A 21 -13.76 -7.97 -9.32
CA PRO A 21 -13.14 -9.30 -9.31
C PRO A 21 -13.82 -10.30 -8.39
N TYR A 22 -14.77 -9.86 -7.57
CA TYR A 22 -15.27 -10.69 -6.48
C TYR A 22 -16.05 -11.93 -6.94
N PRO A 23 -16.89 -11.84 -7.97
CA PRO A 23 -17.51 -13.08 -8.48
C PRO A 23 -16.48 -14.08 -8.99
N ILE A 24 -15.44 -13.62 -9.66
CA ILE A 24 -14.39 -14.52 -10.13
C ILE A 24 -13.64 -15.12 -8.94
N PHE A 25 -13.35 -14.32 -7.92
CA PHE A 25 -12.68 -14.85 -6.73
C PHE A 25 -13.54 -15.90 -6.04
N SER A 26 -14.85 -15.70 -6.03
CA SER A 26 -15.74 -16.69 -5.44
C SER A 26 -15.62 -18.02 -6.19
N THR A 27 -15.62 -17.98 -7.52
CA THR A 27 -15.46 -19.19 -8.31
C THR A 27 -14.12 -19.85 -8.05
N LEU A 28 -13.05 -19.06 -8.01
CA LEU A 28 -11.72 -19.62 -7.80
C LEU A 28 -11.59 -20.24 -6.41
N ARG A 29 -12.01 -19.52 -5.36
CA ARG A 29 -11.91 -20.10 -4.02
C ARG A 29 -12.66 -21.43 -3.94
N SER A 30 -13.77 -21.55 -4.66
CA SER A 30 -14.56 -22.77 -4.59
CA SER A 30 -14.56 -22.77 -4.59
C SER A 30 -13.99 -23.87 -5.46
N GLU A 31 -13.58 -23.54 -6.69
CA GLU A 31 -13.27 -24.55 -7.70
C GLU A 31 -11.80 -24.67 -8.03
N GLN A 32 -11.01 -23.61 -7.85
CA GLN A 32 -9.64 -23.58 -8.34
C GLN A 32 -8.83 -22.64 -7.47
N PRO A 33 -8.63 -23.00 -6.19
CA PRO A 33 -7.99 -22.08 -5.24
C PRO A 33 -6.53 -21.79 -5.54
N VAL A 34 -5.91 -22.57 -6.42
CA VAL A 34 -4.59 -22.28 -6.96
C VAL A 34 -4.77 -22.31 -8.48
N THR A 35 -4.56 -21.17 -9.13
CA THR A 35 -4.76 -21.08 -10.57
CA THR A 35 -4.80 -21.01 -10.56
C THR A 35 -3.56 -20.42 -11.22
N MET A 36 -3.04 -21.08 -12.24
CA MET A 36 -1.86 -20.57 -12.91
C MET A 36 -2.27 -19.63 -14.03
N VAL A 37 -1.64 -18.46 -14.07
CA VAL A 37 -1.90 -17.43 -15.07
C VAL A 37 -0.58 -17.07 -15.75
N GLN A 38 -0.68 -16.31 -16.84
CA GLN A 38 0.47 -15.65 -17.44
C GLN A 38 0.37 -14.15 -17.17
N THR A 39 1.43 -13.56 -16.67
CA THR A 39 1.47 -12.14 -16.37
C THR A 39 1.92 -11.36 -17.59
N PRO A 40 1.74 -10.03 -17.61
CA PRO A 40 2.06 -9.26 -18.82
C PRO A 40 3.51 -9.37 -19.28
N ASP A 41 4.43 -9.82 -18.44
CA ASP A 41 5.83 -9.96 -18.84
C ASP A 41 6.14 -11.29 -19.50
N GLY A 42 5.18 -12.20 -19.61
CA GLY A 42 5.39 -13.50 -20.22
C GLY A 42 5.73 -14.61 -19.25
N ALA A 43 5.84 -14.31 -17.96
CA ALA A 43 6.13 -15.33 -16.96
C ALA A 43 4.85 -15.88 -16.37
N ARG A 44 4.97 -17.07 -15.79
CA ARG A 44 3.85 -17.71 -15.14
C ARG A 44 3.75 -17.21 -13.72
N ALA A 45 2.51 -17.16 -13.23
CA ALA A 45 2.27 -16.90 -11.83
C ALA A 45 1.11 -17.76 -11.37
N TRP A 46 1.08 -18.02 -10.06
CA TRP A 46 0.08 -18.86 -9.44
C TRP A 46 -0.74 -18.01 -8.48
N VAL A 47 -2.02 -17.84 -8.78
CA VAL A 47 -2.89 -16.96 -8.00
C VAL A 47 -3.52 -17.77 -6.88
N ILE A 48 -3.36 -17.29 -5.65
CA ILE A 48 -3.82 -17.95 -4.44
C ILE A 48 -4.92 -17.08 -3.85
N THR A 49 -6.12 -17.66 -3.66
CA THR A 49 -7.32 -16.87 -3.40
C THR A 49 -8.01 -17.12 -2.06
N ARG A 50 -7.80 -18.27 -1.40
N ARG A 50 -7.81 -18.26 -1.40
CA ARG A 50 -8.46 -18.52 -0.12
CA ARG A 50 -8.47 -18.52 -0.13
C ARG A 50 -7.72 -17.81 1.00
C ARG A 50 -7.73 -17.83 1.01
N HIS A 51 -8.49 -17.28 1.96
CA HIS A 51 -7.90 -16.60 3.11
C HIS A 51 -6.88 -17.47 3.83
N GLU A 52 -7.26 -18.73 4.10
CA GLU A 52 -6.36 -19.64 4.83
C GLU A 52 -5.03 -19.78 4.10
N ASP A 53 -5.08 -19.90 2.77
CA ASP A 53 -3.87 -20.13 1.99
C ASP A 53 -3.05 -18.86 1.82
N VAL A 54 -3.72 -17.71 1.63
CA VAL A 54 -3.01 -16.44 1.59
C VAL A 54 -2.29 -16.18 2.91
N ARG A 55 -2.99 -16.36 4.03
CA ARG A 55 -2.37 -16.12 5.33
C ARG A 55 -1.19 -17.04 5.56
N ASN A 56 -1.38 -18.34 5.31
CA ASN A 56 -0.30 -19.31 5.49
C ASN A 56 0.89 -18.99 4.60
N ALA A 57 0.62 -18.61 3.35
CA ALA A 57 1.73 -18.32 2.44
C ALA A 57 2.54 -17.13 2.92
N LEU A 58 1.86 -16.11 3.44
CA LEU A 58 2.58 -14.97 3.99
C LEU A 58 3.42 -15.35 5.22
N ALA A 59 3.06 -16.42 5.92
CA ALA A 59 3.83 -16.91 7.06
C ALA A 59 4.85 -17.99 6.69
N ASP A 60 4.99 -18.32 5.40
CA ASP A 60 5.69 -19.53 4.99
C ASP A 60 7.16 -19.21 4.71
N PRO A 61 8.10 -19.74 5.50
CA PRO A 61 9.53 -19.50 5.23
C PRO A 61 10.02 -20.11 3.93
N ARG A 62 9.24 -20.97 3.27
CA ARG A 62 9.67 -21.57 2.01
C ARG A 62 9.42 -20.65 0.83
N LEU A 63 8.89 -19.46 1.06
CA LEU A 63 8.63 -18.49 0.01
C LEU A 63 9.59 -17.32 0.20
N SER A 64 10.06 -16.77 -0.91
CA SER A 64 11.13 -15.78 -0.90
C SER A 64 10.64 -14.45 -1.47
N ARG A 65 11.14 -13.36 -0.90
CA ARG A 65 11.00 -12.01 -1.42
C ARG A 65 12.31 -11.46 -1.98
N ASP A 66 13.36 -12.27 -2.02
CA ASP A 66 14.68 -11.77 -2.40
C ASP A 66 14.66 -11.41 -3.89
N ILE A 67 15.01 -10.17 -4.21
CA ILE A 67 14.88 -9.70 -5.58
C ILE A 67 15.83 -10.47 -6.51
N GLY A 68 17.03 -10.80 -6.03
CA GLY A 68 17.94 -11.59 -6.85
C GLY A 68 17.34 -12.93 -7.23
N ASN A 69 16.75 -13.62 -6.25
CA ASN A 69 16.13 -14.91 -6.55
C ASN A 69 14.99 -14.74 -7.54
N LEU A 70 14.17 -13.70 -7.37
CA LEU A 70 13.00 -13.51 -8.22
C LEU A 70 13.41 -13.21 -9.65
N TYR A 71 14.39 -12.33 -9.85
CA TYR A 71 14.85 -12.04 -11.21
C TYR A 71 15.53 -13.24 -11.86
N GLN A 72 16.22 -14.08 -11.08
CA GLN A 72 16.80 -15.30 -11.64
C GLN A 72 15.70 -16.21 -12.17
N ALA A 73 14.62 -16.37 -11.40
CA ALA A 73 13.51 -17.21 -11.84
C ALA A 73 12.79 -16.60 -13.05
N LEU A 74 12.54 -15.29 -13.03
CA LEU A 74 11.94 -14.64 -14.18
C LEU A 74 12.80 -14.83 -15.42
N GLY A 75 14.10 -14.65 -15.28
CA GLY A 75 14.99 -14.83 -16.42
C GLY A 75 14.99 -16.23 -16.97
N ARG A 76 14.87 -17.23 -16.10
CA ARG A 76 14.82 -18.60 -16.59
C ARG A 76 13.52 -18.88 -17.34
N GLN A 77 12.43 -18.27 -16.92
CA GLN A 77 11.16 -18.50 -17.60
C GLN A 77 11.09 -17.81 -18.95
N ILE A 78 11.69 -16.61 -19.06
CA ILE A 78 11.69 -15.88 -20.32
C ILE A 78 12.95 -16.09 -21.14
N GLY A 79 13.89 -16.90 -20.67
CA GLY A 79 15.01 -17.35 -21.49
C GLY A 79 16.18 -16.39 -21.61
N LYS A 80 16.21 -15.31 -20.84
CA LYS A 80 17.29 -14.33 -20.86
C LYS A 80 17.80 -14.14 -19.45
N GLU A 81 19.12 -13.98 -19.29
CA GLU A 81 19.65 -13.66 -17.96
C GLU A 81 19.45 -12.18 -17.71
N LEU A 82 18.76 -11.86 -16.62
CA LEU A 82 18.57 -10.48 -16.22
C LEU A 82 19.77 -10.05 -15.40
N LYS A 83 20.20 -8.80 -15.60
CA LYS A 83 21.39 -8.34 -14.89
C LYS A 83 21.08 -8.08 -13.42
N PRO A 84 22.07 -8.31 -12.55
CA PRO A 84 21.88 -7.98 -11.12
C PRO A 84 21.43 -6.54 -10.94
N THR A 85 20.53 -6.31 -9.98
CA THR A 85 19.97 -4.98 -9.79
C THR A 85 20.83 -4.14 -8.85
N ASP A 86 20.64 -2.83 -8.95
CA ASP A 86 21.39 -1.88 -8.15
C ASP A 86 21.12 -2.10 -6.66
N GLU A 87 22.16 -1.88 -5.83
CA GLU A 87 22.00 -2.12 -4.39
C GLU A 87 20.89 -1.29 -3.76
N ILE A 88 20.49 -0.17 -4.37
CA ILE A 88 19.39 0.60 -3.81
C ILE A 88 18.10 -0.21 -3.76
N THR A 89 18.00 -1.25 -4.59
CA THR A 89 16.83 -2.11 -4.61
C THR A 89 16.86 -3.18 -3.53
N HIS A 90 17.95 -3.31 -2.78
CA HIS A 90 18.09 -4.39 -1.80
C HIS A 90 17.56 -4.02 -0.43
N HIS A 91 16.48 -3.26 -0.40
CA HIS A 91 15.85 -2.87 0.85
C HIS A 91 15.02 -4.01 1.43
N LEU A 92 14.39 -3.75 2.57
CA LEU A 92 13.75 -4.82 3.32
C LEU A 92 12.62 -5.52 2.54
N ALA A 93 11.90 -4.81 1.68
CA ALA A 93 10.78 -5.45 0.98
C ALA A 93 11.27 -6.38 -0.11
N ASN A 94 12.54 -6.27 -0.49
CA ASN A 94 13.14 -7.11 -1.52
C ASN A 94 14.16 -8.06 -0.92
N SER A 95 13.99 -8.41 0.35
CA SER A 95 14.98 -9.19 1.09
C SER A 95 14.30 -10.28 1.91
N ASP A 96 15.03 -11.36 2.12
CA ASP A 96 14.67 -12.40 3.08
C ASP A 96 15.55 -12.29 4.30
N PRO A 97 15.20 -12.95 5.40
CA PRO A 97 16.13 -13.07 6.52
C PRO A 97 17.38 -13.80 6.07
N PRO A 98 18.54 -13.48 6.65
CA PRO A 98 18.75 -12.54 7.76
C PRO A 98 18.83 -11.06 7.37
N ARG A 99 19.04 -10.76 6.09
N ARG A 99 19.04 -10.77 6.08
CA ARG A 99 19.15 -9.37 5.68
CA ARG A 99 19.14 -9.37 5.63
C ARG A 99 17.90 -8.59 6.07
C ARG A 99 17.90 -8.60 6.03
N HIS A 100 16.72 -9.18 5.80
CA HIS A 100 15.48 -8.52 6.13
C HIS A 100 15.40 -8.19 7.62
N THR A 101 15.81 -9.14 8.47
CA THR A 101 15.64 -8.99 9.91
C THR A 101 16.36 -7.75 10.42
N ARG A 102 17.59 -7.52 9.93
CA ARG A 102 18.39 -6.39 10.38
C ARG A 102 17.82 -5.08 9.85
N LEU A 103 17.44 -5.04 8.57
CA LEU A 103 16.90 -3.81 8.00
C LEU A 103 15.57 -3.46 8.65
N ARG A 104 14.73 -4.46 8.89
CA ARG A 104 13.43 -4.24 9.51
C ARG A 104 13.57 -3.76 10.95
N LYS A 105 14.47 -4.38 11.72
CA LYS A 105 14.63 -3.99 13.12
C LYS A 105 15.02 -2.52 13.25
N ALA A 106 15.91 -2.04 12.37
CA ALA A 106 16.29 -0.65 12.41
C ALA A 106 15.13 0.28 12.05
N LEU A 107 14.35 -0.11 11.05
CA LEU A 107 13.23 0.72 10.65
C LEU A 107 12.14 0.76 11.72
N VAL A 108 11.83 -0.38 12.32
CA VAL A 108 10.82 -0.46 13.39
C VAL A 108 11.21 0.43 14.57
N PHE A 109 12.51 0.47 14.87
CA PHE A 109 12.98 1.28 15.97
C PHE A 109 12.63 2.74 15.77
N ALA A 110 12.69 3.21 14.54
CA ALA A 110 12.45 4.63 14.25
C ALA A 110 11.01 4.94 13.84
N PHE A 111 10.37 4.05 13.08
CA PHE A 111 9.03 4.28 12.54
C PHE A 111 7.98 3.72 13.51
N THR A 112 7.83 4.41 14.62
CA THR A 112 7.03 3.93 15.74
C THR A 112 5.61 4.44 15.69
N PRO A 113 4.69 3.78 16.39
CA PRO A 113 3.34 4.35 16.54
C PRO A 113 3.36 5.74 17.14
N LYS A 114 4.29 6.00 18.07
CA LYS A 114 4.37 7.34 18.65
CA LYS A 114 4.39 7.34 18.66
C LYS A 114 4.77 8.38 17.61
N ARG A 115 5.72 8.04 16.73
CA ARG A 115 6.09 8.97 15.67
C ARG A 115 4.89 9.31 14.80
N VAL A 116 4.07 8.31 14.48
CA VAL A 116 2.88 8.57 13.67
C VAL A 116 1.89 9.45 14.43
N ALA A 117 1.65 9.14 15.71
CA ALA A 117 0.75 9.98 16.49
C ALA A 117 1.24 11.42 16.48
N ASN A 118 2.56 11.61 16.58
CA ASN A 118 3.12 12.96 16.60
C ASN A 118 3.01 13.66 15.24
N MET A 119 2.78 12.92 14.16
CA MET A 119 2.61 13.54 12.85
C MET A 119 1.20 14.01 12.62
N ARG A 120 0.24 13.59 13.45
CA ARG A 120 -1.17 13.87 13.16
CA ARG A 120 -1.15 13.87 13.15
C ARG A 120 -1.51 15.35 13.13
N PRO A 121 -1.01 16.20 14.04
CA PRO A 121 -1.35 17.65 13.93
C PRO A 121 -1.03 18.24 12.56
N ARG A 122 0.18 17.99 12.03
CA ARG A 122 0.52 18.52 10.72
C ARG A 122 -0.31 17.87 9.62
N LEU A 123 -0.56 16.56 9.72
CA LEU A 123 -1.44 15.91 8.75
C LEU A 123 -2.84 16.53 8.73
N GLU A 124 -3.38 16.84 9.91
CA GLU A 124 -4.68 17.49 9.96
C GLU A 124 -4.64 18.84 9.27
N GLN A 125 -3.56 19.59 9.49
CA GLN A 125 -3.41 20.88 8.86
C GLN A 125 -3.29 20.75 7.34
N VAL A 126 -2.56 19.73 6.86
CA VAL A 126 -2.43 19.50 5.42
C VAL A 126 -3.79 19.17 4.80
N VAL A 127 -4.52 18.25 5.44
CA VAL A 127 -5.85 17.88 4.93
C VAL A 127 -6.77 19.09 4.88
N GLU A 128 -6.74 19.94 5.91
CA GLU A 128 -7.63 21.11 5.88
C GLU A 128 -7.30 22.01 4.71
N GLY A 129 -6.01 22.16 4.37
CA GLY A 129 -5.64 22.97 3.22
C GLY A 129 -6.09 22.34 1.91
N LEU A 130 -5.98 21.01 1.80
CA LEU A 130 -6.46 20.34 0.60
C LEU A 130 -7.96 20.48 0.45
N LEU A 131 -8.69 20.45 1.57
CA LEU A 131 -10.14 20.61 1.49
C LEU A 131 -10.54 22.03 1.16
N ASP A 132 -9.72 23.02 1.56
CA ASP A 132 -9.94 24.38 1.12
C ASP A 132 -9.91 24.47 -0.41
N GLU A 133 -8.93 23.81 -1.03
CA GLU A 133 -8.84 23.82 -2.49
CA GLU A 133 -8.85 23.83 -2.49
C GLU A 133 -9.98 23.03 -3.11
N LEU A 134 -10.36 21.91 -2.49
CA LEU A 134 -11.47 21.12 -3.00
C LEU A 134 -12.77 21.91 -2.96
N ALA A 135 -12.97 22.69 -1.90
CA ALA A 135 -14.21 23.44 -1.78
C ALA A 135 -14.36 24.48 -2.89
N ALA A 136 -13.27 24.84 -3.56
CA ALA A 136 -13.33 25.85 -4.61
C ALA A 136 -13.53 25.25 -5.99
N GLN A 137 -13.50 23.93 -6.13
CA GLN A 137 -13.57 23.30 -7.43
C GLN A 137 -15.01 23.25 -7.94
N HIS A 138 -15.15 23.46 -9.26
CA HIS A 138 -16.47 23.33 -9.87
C HIS A 138 -16.91 21.88 -9.93
N GLN A 139 -15.97 20.95 -10.14
CA GLN A 139 -16.25 19.52 -10.21
C GLN A 139 -15.29 18.81 -9.27
N PRO A 140 -15.56 18.84 -7.97
CA PRO A 140 -14.60 18.28 -7.01
C PRO A 140 -14.49 16.77 -7.16
N ASP A 141 -13.28 16.26 -6.98
CA ASP A 141 -12.98 14.84 -7.09
C ASP A 141 -12.11 14.48 -5.91
N LEU A 142 -12.54 13.51 -5.09
CA LEU A 142 -11.78 13.17 -3.90
C LEU A 142 -10.46 12.49 -4.22
N LEU A 143 -10.34 11.87 -5.39
CA LEU A 143 -9.04 11.31 -5.76
C LEU A 143 -8.08 12.43 -6.14
N GLU A 144 -8.45 13.24 -7.13
CA GLU A 144 -7.53 14.29 -7.58
C GLU A 144 -7.21 15.27 -6.47
N GLY A 145 -8.21 15.63 -5.66
CA GLY A 145 -8.03 16.68 -4.68
C GLY A 145 -7.55 16.26 -3.30
N LEU A 146 -7.50 14.97 -2.99
CA LEU A 146 -7.19 14.56 -1.63
C LEU A 146 -6.37 13.28 -1.60
N ALA A 147 -6.93 12.21 -2.15
CA ALA A 147 -6.28 10.90 -2.04
C ALA A 147 -4.96 10.85 -2.80
N GLU A 148 -4.89 11.52 -3.97
CA GLU A 148 -3.63 11.54 -4.72
C GLU A 148 -2.58 12.42 -4.07
N PRO A 149 -2.88 13.66 -3.65
CA PRO A 149 -1.79 14.51 -3.12
C PRO A 149 -1.31 14.13 -1.73
N LEU A 150 -2.19 13.63 -0.86
CA LEU A 150 -1.84 13.48 0.56
C LEU A 150 -0.65 12.55 0.80
N PRO A 151 -0.57 11.36 0.19
CA PRO A 151 0.47 10.41 0.61
C PRO A 151 1.91 10.91 0.48
N ILE A 152 2.25 11.59 -0.62
CA ILE A 152 3.63 12.03 -0.75
C ILE A 152 3.90 13.22 0.16
N ILE A 153 2.89 14.04 0.46
CA ILE A 153 3.07 15.05 1.49
C ILE A 153 3.37 14.40 2.82
N ALA A 154 2.64 13.35 3.17
CA ALA A 154 2.88 12.65 4.42
C ALA A 154 4.27 12.01 4.43
N ILE A 155 4.70 11.43 3.30
CA ILE A 155 6.01 10.80 3.27
C ILE A 155 7.12 11.84 3.37
N ALA A 156 6.95 12.97 2.70
CA ALA A 156 7.90 14.07 2.84
C ALA A 156 8.03 14.50 4.28
N GLN A 157 6.90 14.63 4.98
CA GLN A 157 6.92 15.02 6.39
C GLN A 157 7.63 13.95 7.22
N LEU A 158 7.29 12.69 7.00
CA LEU A 158 7.88 11.58 7.76
C LEU A 158 9.39 11.57 7.61
N LEU A 159 9.89 11.74 6.37
CA LEU A 159 11.32 11.63 6.11
C LEU A 159 12.07 12.84 6.62
N GLY A 160 11.49 14.04 6.45
CA GLY A 160 12.19 15.27 6.74
C GLY A 160 12.58 16.09 5.53
N VAL A 161 11.85 15.94 4.43
CA VAL A 161 12.13 16.71 3.22
C VAL A 161 11.70 18.15 3.43
N PRO A 162 12.57 19.13 3.17
CA PRO A 162 12.18 20.53 3.38
C PRO A 162 11.21 21.01 2.31
N ASP A 163 10.36 21.97 2.70
CA ASP A 163 9.39 22.54 1.77
C ASP A 163 10.07 23.19 0.57
N SER A 164 11.30 23.69 0.73
CA SER A 164 11.98 24.33 -0.39
C SER A 164 12.22 23.36 -1.54
N ASP A 165 12.35 22.06 -1.23
CA ASP A 165 12.60 21.04 -2.24
C ASP A 165 11.34 20.31 -2.67
N TRP A 166 10.18 20.88 -2.36
CA TRP A 166 8.93 20.13 -2.50
C TRP A 166 8.64 19.76 -3.96
N ARG A 167 8.69 20.74 -4.86
CA ARG A 167 8.22 20.44 -6.22
C ARG A 167 9.08 19.39 -6.90
N GLN A 168 10.40 19.45 -6.70
CA GLN A 168 11.25 18.45 -7.32
C GLN A 168 11.03 17.07 -6.69
N PHE A 169 10.81 17.02 -5.37
CA PHE A 169 10.55 15.75 -4.71
C PHE A 169 9.27 15.11 -5.24
N LYS A 170 8.23 15.91 -5.43
CA LYS A 170 6.98 15.40 -5.98
C LYS A 170 7.19 14.85 -7.39
N ILE A 171 7.92 15.57 -8.23
CA ILE A 171 8.20 15.08 -9.58
C ILE A 171 8.91 13.73 -9.53
N TRP A 172 9.96 13.63 -8.71
CA TRP A 172 10.67 12.36 -8.60
C TRP A 172 9.77 11.26 -8.07
N SER A 173 8.93 11.57 -7.08
CA SER A 173 8.11 10.52 -6.48
C SER A 173 7.14 9.91 -7.48
N ASN A 174 6.71 10.70 -8.48
CA ASN A 174 5.82 10.16 -9.50
C ASN A 174 6.46 9.04 -10.31
N THR A 175 7.79 8.91 -10.26
CA THR A 175 8.49 7.82 -10.91
C THR A 175 8.65 6.60 -9.99
N MET A 176 8.74 6.82 -8.68
CA MET A 176 9.00 5.77 -7.70
C MET A 176 7.69 5.05 -7.37
N ARG A 177 7.26 4.18 -8.27
CA ARG A 177 6.10 3.33 -8.01
C ARG A 177 6.26 1.95 -8.62
N ALA A 182 8.72 3.49 -12.86
CA ALA A 182 9.02 4.26 -14.06
C ALA A 182 7.79 5.06 -14.49
N ASP A 183 6.61 4.50 -14.20
CA ASP A 183 5.29 5.08 -14.44
C ASP A 183 5.18 5.81 -15.79
N PRO A 184 4.87 7.15 -15.90
CA PRO A 184 4.51 7.67 -17.23
C PRO A 184 5.74 7.87 -18.11
N THR A 185 6.89 8.12 -17.50
CA THR A 185 8.06 8.56 -18.22
C THR A 185 9.07 7.46 -18.49
N GLY A 186 9.13 6.41 -17.68
CA GLY A 186 10.19 5.43 -17.87
C GLY A 186 11.56 5.91 -17.42
N LEU A 187 11.62 7.00 -16.66
CA LEU A 187 12.90 7.58 -16.22
C LEU A 187 13.40 6.98 -14.92
N LEU A 188 13.10 5.70 -14.66
CA LEU A 188 13.45 5.10 -13.38
C LEU A 188 14.94 5.22 -13.08
N ALA A 189 15.79 4.91 -14.05
CA ALA A 189 17.22 5.02 -13.78
C ALA A 189 17.62 6.45 -13.46
N GLU A 190 17.22 7.39 -14.31
CA GLU A 190 17.59 8.79 -14.14
C GLU A 190 17.02 9.37 -12.85
N HIS A 191 15.73 9.18 -12.62
CA HIS A 191 15.14 9.71 -11.39
C HIS A 191 15.68 9.02 -10.15
N THR A 192 15.98 7.73 -10.24
CA THR A 192 16.61 7.06 -9.10
C THR A 192 17.97 7.68 -8.79
N ARG A 193 18.78 7.92 -9.82
CA ARG A 193 20.07 8.54 -9.61
CA ARG A 193 20.08 8.54 -9.61
C ARG A 193 19.91 9.92 -8.97
N GLU A 194 18.98 10.72 -9.48
CA GLU A 194 18.83 12.09 -9.00
C GLU A 194 18.28 12.11 -7.58
N LEU A 195 17.25 11.31 -7.34
CA LEU A 195 16.65 11.24 -6.02
C LEU A 195 17.66 10.68 -5.02
N SER A 196 18.46 9.70 -5.43
CA SER A 196 19.49 9.15 -4.55
CA SER A 196 19.50 9.15 -4.55
C SER A 196 20.50 10.22 -4.15
N ALA A 197 20.97 11.02 -5.12
CA ALA A 197 21.91 12.08 -4.78
C ALA A 197 21.29 13.07 -3.82
N TYR A 198 20.02 13.41 -4.05
CA TYR A 198 19.35 14.35 -3.16
C TYR A 198 19.17 13.76 -1.77
N MET A 199 18.70 12.52 -1.70
CA MET A 199 18.47 11.92 -0.39
C MET A 199 19.78 11.65 0.35
N ALA A 200 20.84 11.35 -0.38
CA ALA A 200 22.13 11.19 0.28
C ALA A 200 22.59 12.51 0.90
N ASP A 201 22.34 13.63 0.22
CA ASP A 201 22.67 14.93 0.78
C ASP A 201 21.78 15.26 1.97
N LEU A 202 20.52 14.85 1.92
CA LEU A 202 19.62 15.08 3.04
C LEU A 202 20.04 14.25 4.25
N ILE A 203 20.44 13.00 4.02
CA ILE A 203 20.93 12.15 5.11
C ILE A 203 22.17 12.76 5.75
N ALA A 204 23.09 13.30 4.94
CA ALA A 204 24.27 13.96 5.50
C ALA A 204 23.88 15.22 6.27
N GLU A 205 22.85 15.94 5.81
CA GLU A 205 22.41 17.15 6.50
C GLU A 205 21.81 16.81 7.86
N LYS A 206 21.06 15.71 7.94
N LYS A 206 21.07 15.70 7.94
CA LYS A 206 20.49 15.31 9.23
CA LYS A 206 20.49 15.30 9.23
C LYS A 206 21.54 14.79 10.19
C LYS A 206 21.55 14.80 10.19
N GLU A 207 22.66 14.27 9.68
CA GLU A 207 23.75 13.90 10.56
C GLU A 207 24.31 15.12 11.28
N ARG A 208 24.46 16.23 10.55
CA ARG A 208 24.96 17.46 11.16
C ARG A 208 23.89 18.20 11.95
N HIS A 209 22.66 18.23 11.44
CA HIS A 209 21.57 19.03 12.00
C HIS A 209 20.33 18.15 12.15
N PRO A 210 20.29 17.31 13.19
CA PRO A 210 19.12 16.44 13.38
C PRO A 210 17.85 17.21 13.71
N THR A 211 16.74 16.69 13.20
CA THR A 211 15.42 17.27 13.37
C THR A 211 14.46 16.14 13.71
N ASP A 212 13.19 16.47 13.93
CA ASP A 212 12.23 15.46 14.37
C ASP A 212 11.62 14.80 13.15
N ASP A 213 12.35 13.81 12.62
CA ASP A 213 11.88 13.08 11.45
C ASP A 213 12.57 11.73 11.42
N LEU A 214 12.10 10.88 10.51
CA LEU A 214 12.57 9.49 10.47
C LEU A 214 14.03 9.39 10.04
N ILE A 215 14.44 10.18 9.04
CA ILE A 215 15.83 10.10 8.61
C ILE A 215 16.76 10.44 9.76
N SER A 216 16.45 11.51 10.49
CA SER A 216 17.28 11.90 11.62
C SER A 216 17.34 10.79 12.67
N ALA A 217 16.19 10.16 12.94
CA ALA A 217 16.17 9.10 13.95
C ALA A 217 17.03 7.92 13.51
N MET A 218 17.01 7.59 12.22
CA MET A 218 17.81 6.47 11.74
C MET A 218 19.28 6.81 11.69
N VAL A 219 19.62 8.06 11.33
CA VAL A 219 21.03 8.45 11.24
C VAL A 219 21.68 8.42 12.61
N HIS A 220 20.93 8.77 13.65
CA HIS A 220 21.48 8.86 14.99
C HIS A 220 21.11 7.66 15.86
N ALA A 221 20.66 6.56 15.26
CA ALA A 221 20.36 5.37 16.03
C ALA A 221 21.65 4.76 16.57
N GLU A 222 21.50 3.92 17.59
CA GLU A 222 22.63 3.35 18.30
C GLU A 222 22.70 1.84 18.07
N GLY A 223 23.92 1.31 18.15
CA GLY A 223 24.11 -0.13 18.16
C GLY A 223 23.69 -0.80 16.88
N ASP A 224 23.04 -1.96 17.01
CA ASP A 224 22.59 -2.67 15.83
C ASP A 224 21.34 -2.05 15.20
N LYS A 225 20.74 -1.05 15.84
CA LYS A 225 19.65 -0.30 15.22
C LYS A 225 20.16 0.68 14.17
N GLN A 226 21.47 0.88 14.06
CA GLN A 226 22.00 1.86 13.14
CA GLN A 226 22.05 1.86 13.15
C GLN A 226 22.36 1.19 11.81
N LEU A 227 21.75 1.68 10.74
CA LEU A 227 22.11 1.26 9.39
C LEU A 227 23.13 2.23 8.82
N THR A 228 23.76 1.83 7.71
CA THR A 228 24.69 2.72 7.02
C THR A 228 23.93 3.79 6.28
N PRO A 229 24.59 4.90 5.92
CA PRO A 229 23.89 5.91 5.10
C PRO A 229 23.29 5.35 3.81
N LYS A 230 23.99 4.44 3.12
CA LYS A 230 23.42 3.83 1.92
C LYS A 230 22.18 3.01 2.26
N GLU A 231 22.19 2.32 3.39
CA GLU A 231 21.02 1.52 3.77
C GLU A 231 19.85 2.42 4.17
N ILE A 232 20.13 3.54 4.81
CA ILE A 232 19.08 4.51 5.12
C ILE A 232 18.49 5.06 3.83
N LEU A 233 19.35 5.32 2.84
CA LEU A 233 18.87 5.80 1.54
CA LEU A 233 18.88 5.80 1.55
C LEU A 233 17.93 4.79 0.91
N SER A 234 18.33 3.52 0.89
N SER A 234 18.31 3.51 0.89
CA SER A 234 17.51 2.47 0.32
CA SER A 234 17.45 2.51 0.27
C SER A 234 16.20 2.34 1.08
C SER A 234 16.17 2.30 1.09
N THR A 235 16.24 2.46 2.41
CA THR A 235 15.03 2.44 3.23
C THR A 235 14.08 3.55 2.81
N ALA A 236 14.61 4.74 2.57
CA ALA A 236 13.74 5.85 2.15
C ALA A 236 13.08 5.54 0.83
N PHE A 237 13.80 4.90 -0.09
CA PHE A 237 13.20 4.52 -1.36
C PHE A 237 12.08 3.51 -1.15
N ALA A 238 12.27 2.56 -0.23
CA ALA A 238 11.23 1.59 0.06
C ALA A 238 9.99 2.27 0.64
N LEU A 239 10.19 3.29 1.47
CA LEU A 239 9.07 3.99 2.07
C LEU A 239 8.31 4.79 1.02
N MET A 240 9.02 5.42 0.10
CA MET A 240 8.38 6.19 -0.96
C MET A 240 7.57 5.28 -1.87
N THR A 241 8.17 4.20 -2.32
CA THR A 241 7.45 3.30 -3.22
CA THR A 241 7.46 3.29 -3.22
C THR A 241 6.34 2.56 -2.47
N GLY A 242 6.57 2.20 -1.22
CA GLY A 242 5.60 1.43 -0.47
C GLY A 242 4.40 2.22 0.00
N GLY A 243 4.53 3.53 0.15
CA GLY A 243 3.48 4.28 0.82
C GLY A 243 2.76 5.33 0.00
N ASN A 244 3.05 5.44 -1.28
CA ASN A 244 2.45 6.50 -2.10
C ASN A 244 1.18 5.99 -2.80
N GLU A 245 1.33 5.18 -3.82
CA GLU A 245 0.16 4.74 -4.58
C GLU A 245 -0.74 3.84 -3.74
N THR A 246 -0.16 3.07 -2.81
CA THR A 246 -0.94 2.24 -1.90
C THR A 246 -1.87 3.09 -1.05
N THR A 247 -1.34 4.14 -0.43
CA THR A 247 -2.19 4.97 0.42
C THR A 247 -3.23 5.69 -0.40
N THR A 248 -2.86 6.14 -1.59
CA THR A 248 -3.87 6.72 -2.47
C THR A 248 -5.01 5.74 -2.70
N ALA A 249 -4.68 4.49 -3.01
CA ALA A 249 -5.72 3.50 -3.24
C ALA A 249 -6.54 3.24 -1.98
N LEU A 250 -5.90 3.20 -0.81
CA LEU A 250 -6.64 2.92 0.41
C LEU A 250 -7.61 4.05 0.72
N VAL A 251 -7.17 5.29 0.62
CA VAL A 251 -8.05 6.42 0.92
C VAL A 251 -9.17 6.48 -0.10
N THR A 252 -8.83 6.34 -1.39
CA THR A 252 -9.87 6.34 -2.42
C THR A 252 -10.87 5.22 -2.19
N GLY A 253 -10.37 4.02 -1.89
CA GLY A 253 -11.27 2.88 -1.72
C GLY A 253 -12.20 3.06 -0.53
N CYS A 254 -11.69 3.60 0.57
CA CYS A 254 -12.55 3.85 1.74
C CYS A 254 -13.65 4.85 1.42
N PHE A 255 -13.30 5.94 0.72
CA PHE A 255 -14.33 6.89 0.32
C PHE A 255 -15.29 6.26 -0.69
N ALA A 256 -14.77 5.47 -1.62
CA ALA A 256 -15.66 4.82 -2.58
C ALA A 256 -16.67 3.95 -1.87
N ALA A 257 -16.23 3.20 -0.87
CA ALA A 257 -17.13 2.34 -0.11
C ALA A 257 -18.22 3.15 0.55
N LEU A 258 -17.86 4.25 1.22
CA LEU A 258 -18.86 5.09 1.86
C LEU A 258 -19.80 5.69 0.85
N LEU A 259 -19.26 6.21 -0.25
CA LEU A 259 -20.05 6.98 -1.19
C LEU A 259 -20.99 6.11 -2.01
N THR A 260 -20.63 4.85 -2.22
CA THR A 260 -21.53 3.92 -2.89
C THR A 260 -22.53 3.27 -1.95
N HIS A 261 -22.44 3.57 -0.65
CA HIS A 261 -23.40 3.10 0.36
C HIS A 261 -23.87 4.28 1.20
N PRO A 262 -24.63 5.19 0.59
CA PRO A 262 -24.98 6.44 1.28
C PRO A 262 -25.74 6.28 2.58
N GLU A 263 -26.50 5.20 2.75
CA GLU A 263 -27.19 4.99 4.02
C GLU A 263 -26.18 4.80 5.15
N GLN A 264 -25.10 4.08 4.86
CA GLN A 264 -24.07 3.86 5.88
C GLN A 264 -23.23 5.11 6.08
N ALA A 265 -22.94 5.84 4.99
CA ALA A 265 -22.29 7.13 5.14
C ALA A 265 -23.09 8.05 6.06
N LYS A 266 -24.43 8.07 5.91
CA LYS A 266 -25.27 8.92 6.74
C LYS A 266 -25.15 8.55 8.22
N ARG A 267 -25.17 7.27 8.53
CA ARG A 267 -25.04 6.85 9.92
CA ARG A 267 -25.04 6.84 9.92
C ARG A 267 -23.65 7.17 10.47
N LEU A 268 -22.61 6.99 9.65
CA LEU A 268 -21.28 7.34 10.09
C LEU A 268 -21.17 8.83 10.38
N LYS A 269 -21.73 9.67 9.50
CA LYS A 269 -21.76 11.11 9.73
C LYS A 269 -22.45 11.44 11.06
N ALA A 270 -23.48 10.68 11.43
CA ALA A 270 -24.24 10.96 12.64
C ALA A 270 -23.58 10.41 13.90
N ASP A 271 -22.56 9.55 13.76
CA ASP A 271 -21.85 8.98 14.91
C ASP A 271 -20.37 8.90 14.54
N LEU A 272 -19.78 10.07 14.29
CA LEU A 272 -18.45 10.10 13.70
C LEU A 272 -17.35 9.65 14.65
N ASP A 273 -17.63 9.58 15.97
CA ASP A 273 -16.64 9.04 16.89
C ASP A 273 -16.34 7.57 16.65
N ARG A 274 -17.22 6.85 15.95
CA ARG A 274 -16.98 5.45 15.62
CA ARG A 274 -16.96 5.45 15.64
C ARG A 274 -15.91 5.27 14.54
N LEU A 275 -15.48 6.35 13.89
CA LEU A 275 -14.62 6.21 12.72
C LEU A 275 -13.40 5.31 12.92
N PRO A 276 -12.61 5.45 13.99
CA PRO A 276 -11.48 4.53 14.17
C PRO A 276 -11.89 3.07 14.23
N GLN A 277 -13.09 2.75 14.71
CA GLN A 277 -13.58 1.38 14.79
C GLN A 277 -14.31 0.93 13.53
N VAL A 278 -14.42 1.80 12.53
CA VAL A 278 -15.08 1.50 11.27
CA VAL A 278 -15.05 1.43 11.27
C VAL A 278 -14.09 1.41 10.10
N VAL A 279 -12.92 2.04 10.22
CA VAL A 279 -11.97 2.09 9.11
CA VAL A 279 -12.01 2.09 9.07
C VAL A 279 -11.56 0.69 8.66
N ASP A 280 -11.43 -0.24 9.60
CA ASP A 280 -10.99 -1.58 9.18
C ASP A 280 -12.02 -2.24 8.28
N GLU A 281 -13.31 -2.00 8.53
CA GLU A 281 -14.33 -2.56 7.64
C GLU A 281 -14.30 -1.86 6.29
N LEU A 282 -14.05 -0.55 6.26
CA LEU A 282 -13.92 0.12 4.98
C LEU A 282 -12.76 -0.44 4.17
N ILE A 283 -11.63 -0.71 4.85
CA ILE A 283 -10.46 -1.28 4.20
C ILE A 283 -10.74 -2.71 3.75
N ARG A 284 -11.32 -3.53 4.64
CA ARG A 284 -11.61 -4.91 4.25
C ARG A 284 -12.51 -4.96 3.03
N PHE A 285 -13.58 -4.17 3.05
CA PHE A 285 -14.54 -4.23 1.96
C PHE A 285 -13.94 -3.67 0.67
N SER A 286 -13.32 -2.51 0.73
CA SER A 286 -12.78 -1.93 -0.50
C SER A 286 -11.56 -2.67 -1.00
N SER A 287 -10.83 -3.36 -0.13
CA SER A 287 -9.69 -4.20 -0.49
C SER A 287 -8.71 -3.52 -1.45
N PRO A 288 -8.08 -2.42 -1.01
CA PRO A 288 -7.22 -1.65 -1.93
C PRO A 288 -5.93 -2.36 -2.30
N MET A 289 -5.62 -3.52 -1.72
CA MET A 289 -4.49 -4.33 -2.16
CA MET A 289 -4.49 -4.35 -2.15
C MET A 289 -5.05 -5.57 -2.87
N LEU A 290 -4.95 -5.58 -4.20
CA LEU A 290 -5.47 -6.72 -4.95
C LEU A 290 -4.58 -7.94 -4.77
N TYR A 291 -3.25 -7.73 -4.85
CA TYR A 291 -2.26 -8.78 -4.61
C TYR A 291 -1.18 -8.19 -3.72
N THR A 292 -0.48 -9.05 -2.96
CA THR A 292 0.72 -8.61 -2.26
C THR A 292 1.90 -8.65 -3.23
N LEU A 293 3.10 -8.38 -2.72
CA LEU A 293 4.29 -8.59 -3.54
C LEU A 293 4.45 -10.06 -3.90
N GLN A 294 5.03 -10.32 -5.06
CA GLN A 294 5.24 -11.68 -5.53
C GLN A 294 6.07 -12.49 -4.54
N ARG A 295 5.82 -13.79 -4.48
CA ARG A 295 6.65 -14.72 -3.71
C ARG A 295 7.24 -15.78 -4.63
N LEU A 296 8.48 -16.20 -4.36
CA LEU A 296 9.10 -17.27 -5.11
C LEU A 296 9.15 -18.52 -4.25
N THR A 297 8.77 -19.67 -4.82
CA THR A 297 8.92 -20.92 -4.08
C THR A 297 10.38 -21.35 -4.05
N LEU A 298 10.93 -21.53 -2.85
CA LEU A 298 12.30 -22.01 -2.69
C LEU A 298 12.39 -23.53 -2.73
N GLU A 299 11.26 -24.20 -2.53
CA GLU A 299 11.13 -25.63 -2.63
C GLU A 299 9.69 -25.92 -3.06
N ASP A 300 9.41 -27.18 -3.36
CA ASP A 300 8.05 -27.56 -3.72
C ASP A 300 7.12 -27.26 -2.54
N VAL A 301 5.96 -26.69 -2.83
CA VAL A 301 4.95 -26.41 -1.81
C VAL A 301 3.61 -26.92 -2.29
N GLU A 302 2.83 -27.47 -1.36
CA GLU A 302 1.48 -27.92 -1.65
C GLU A 302 0.48 -26.95 -1.04
N ILE A 303 -0.42 -26.45 -1.86
CA ILE A 303 -1.44 -25.50 -1.44
C ILE A 303 -2.77 -25.99 -1.99
N ALA A 304 -3.72 -26.26 -1.11
CA ALA A 304 -5.07 -26.63 -1.49
C ALA A 304 -5.08 -27.80 -2.49
N GLY A 305 -4.19 -28.75 -2.27
CA GLY A 305 -4.11 -29.94 -3.09
C GLY A 305 -3.23 -29.84 -4.31
N THR A 306 -2.73 -28.65 -4.65
CA THR A 306 -1.87 -28.47 -5.81
C THR A 306 -0.42 -28.37 -5.36
N THR A 307 0.45 -29.19 -5.94
CA THR A 307 1.88 -29.07 -5.72
C THR A 307 2.44 -28.04 -6.69
N ILE A 308 3.05 -26.99 -6.15
CA ILE A 308 3.69 -25.95 -6.95
C ILE A 308 5.20 -26.18 -6.88
N PRO A 309 5.87 -26.46 -8.00
CA PRO A 309 7.31 -26.74 -7.94
C PRO A 309 8.12 -25.55 -7.48
N ALA A 310 9.32 -25.85 -7.00
CA ALA A 310 10.31 -24.84 -6.69
C ALA A 310 10.58 -23.99 -7.92
N GLY A 311 10.83 -22.71 -7.70
CA GLY A 311 11.14 -21.79 -8.77
C GLY A 311 9.95 -21.12 -9.41
N GLU A 312 8.77 -21.22 -8.80
CA GLU A 312 7.57 -20.61 -9.35
C GLU A 312 7.20 -19.36 -8.55
N ILE A 313 6.44 -18.48 -9.21
CA ILE A 313 6.03 -17.19 -8.66
C ILE A 313 4.59 -17.30 -8.20
N LEU A 314 4.33 -16.90 -6.96
CA LEU A 314 2.97 -16.88 -6.41
C LEU A 314 2.49 -15.45 -6.33
N MET A 315 1.21 -15.26 -6.65
CA MET A 315 0.49 -14.01 -6.48
C MET A 315 -0.61 -14.25 -5.44
N LEU A 316 -0.45 -13.70 -4.26
CA LEU A 316 -1.38 -13.89 -3.16
C LEU A 316 -2.37 -12.73 -3.14
N SER A 317 -3.66 -13.03 -3.02
CA SER A 317 -4.65 -11.96 -3.12
C SER A 317 -5.26 -11.60 -1.77
N PRO A 318 -4.85 -10.50 -1.13
CA PRO A 318 -5.60 -10.04 0.05
C PRO A 318 -7.04 -9.68 -0.27
N ALA A 319 -7.34 -9.17 -1.46
CA ALA A 319 -8.72 -8.82 -1.78
C ALA A 319 -9.63 -10.04 -1.75
N SER A 320 -9.20 -11.13 -2.38
CA SER A 320 -9.98 -12.35 -2.33
C SER A 320 -10.09 -12.89 -0.90
N ALA A 321 -8.99 -12.87 -0.16
CA ALA A 321 -9.03 -13.35 1.23
C ALA A 321 -10.00 -12.54 2.08
N ASN A 322 -10.02 -11.22 1.87
CA ASN A 322 -10.87 -10.32 2.64
C ASN A 322 -12.33 -10.58 2.39
N HIS A 323 -12.67 -11.15 1.23
CA HIS A 323 -14.05 -11.44 0.85
C HIS A 323 -14.37 -12.92 0.96
N ASP A 324 -13.55 -13.69 1.66
CA ASP A 324 -13.71 -15.13 1.73
C ASP A 324 -14.69 -15.48 2.84
N PRO A 325 -15.83 -16.11 2.55
CA PRO A 325 -16.77 -16.47 3.62
C PRO A 325 -16.23 -17.48 4.62
N GLU A 326 -15.15 -18.20 4.29
CA GLU A 326 -14.59 -19.09 5.28
C GLU A 326 -14.00 -18.33 6.46
N ALA A 327 -13.50 -17.13 6.21
CA ALA A 327 -12.94 -16.28 7.23
C ALA A 327 -13.94 -15.26 7.78
N LEU A 328 -14.91 -14.85 6.96
CA LEU A 328 -15.92 -13.87 7.34
C LEU A 328 -17.25 -14.41 6.86
N PRO A 329 -17.92 -15.22 7.67
CA PRO A 329 -19.12 -15.93 7.19
C PRO A 329 -20.32 -15.05 6.90
N ASP A 330 -20.41 -13.86 7.49
CA ASP A 330 -21.61 -13.03 7.36
C ASP A 330 -21.42 -12.01 6.24
N ARG A 331 -21.99 -12.28 5.08
CA ARG A 331 -22.06 -11.31 3.99
C ARG A 331 -20.72 -10.66 3.64
N PRO A 332 -19.70 -11.47 3.32
CA PRO A 332 -18.38 -10.88 3.07
C PRO A 332 -18.31 -9.98 1.85
N ASP A 333 -19.23 -10.12 0.90
CA ASP A 333 -19.20 -9.26 -0.26
C ASP A 333 -19.98 -7.97 -0.05
N GLU A 334 -20.51 -7.76 1.15
CA GLU A 334 -21.23 -6.54 1.47
C GLU A 334 -20.43 -5.70 2.45
N LEU A 335 -20.63 -4.37 2.35
CA LEU A 335 -20.11 -3.46 3.34
C LEU A 335 -21.07 -3.38 4.51
N ASP A 336 -20.57 -3.54 5.72
CA ASP A 336 -21.42 -3.37 6.90
C ASP A 336 -20.57 -2.73 7.99
N ILE A 337 -20.67 -1.41 8.14
CA ILE A 337 -19.84 -0.72 9.13
C ILE A 337 -20.20 -1.11 10.55
N ASP A 338 -21.35 -1.75 10.75
CA ASP A 338 -21.76 -2.17 12.08
C ASP A 338 -21.25 -3.57 12.45
N ARG A 339 -20.59 -4.28 11.54
CA ARG A 339 -20.13 -5.62 11.86
C ARG A 339 -18.97 -5.53 12.86
N PRO A 340 -18.73 -6.60 13.63
CA PRO A 340 -17.58 -6.58 14.55
C PRO A 340 -16.32 -6.29 13.77
N ARG A 341 -15.45 -5.45 14.35
CA ARG A 341 -14.25 -5.02 13.66
C ARG A 341 -13.52 -6.23 13.07
N PRO A 342 -13.33 -6.30 11.76
CA PRO A 342 -12.76 -7.50 11.16
C PRO A 342 -11.25 -7.44 11.09
N VAL A 343 -10.64 -8.61 11.18
CA VAL A 343 -9.25 -8.73 10.76
C VAL A 343 -9.23 -8.90 9.26
N HIS A 344 -8.18 -8.42 8.63
CA HIS A 344 -8.08 -8.47 7.18
C HIS A 344 -6.61 -8.56 6.82
N LEU A 345 -6.35 -8.82 5.54
CA LEU A 345 -4.99 -9.07 5.06
C LEU A 345 -4.45 -7.94 4.19
N THR A 346 -5.09 -6.76 4.23
CA THR A 346 -4.72 -5.67 3.32
C THR A 346 -3.31 -5.13 3.59
N PHE A 347 -2.83 -5.24 4.85
CA PHE A 347 -1.48 -4.85 5.23
C PHE A 347 -0.53 -6.03 5.29
N GLY A 348 -0.93 -7.18 4.77
CA GLY A 348 -0.07 -8.35 4.84
C GLY A 348 -0.20 -9.10 6.16
N HIS A 349 0.81 -9.93 6.40
CA HIS A 349 0.81 -10.85 7.53
C HIS A 349 2.20 -11.42 7.64
N GLY A 350 2.72 -11.48 8.86
CA GLY A 350 4.00 -12.09 9.04
C GLY A 350 5.15 -11.10 9.06
N ILE A 351 6.35 -11.54 8.70
CA ILE A 351 7.53 -10.73 8.94
C ILE A 351 7.57 -9.47 8.09
N HIS A 352 6.88 -9.44 6.93
CA HIS A 352 6.84 -8.26 6.07
C HIS A 352 5.62 -7.39 6.29
N TYR A 353 4.82 -7.65 7.34
CA TYR A 353 3.61 -6.86 7.59
C TYR A 353 3.90 -5.36 7.49
N CYS A 354 3.00 -4.65 6.83
CA CYS A 354 3.22 -3.26 6.48
C CYS A 354 3.75 -2.40 7.64
N ILE A 355 4.92 -1.82 7.43
CA ILE A 355 5.49 -0.96 8.45
C ILE A 355 4.76 0.37 8.52
N GLY A 356 4.08 0.76 7.44
CA GLY A 356 3.34 2.00 7.43
C GLY A 356 1.89 1.92 7.82
N SER A 357 1.45 0.82 8.45
CA SER A 357 0.02 0.62 8.67
C SER A 357 -0.58 1.71 9.54
N HIS A 358 0.15 2.16 10.57
CA HIS A 358 -0.41 3.21 11.44
C HIS A 358 -0.50 4.53 10.70
N LEU A 359 0.47 4.83 9.84
CA LEU A 359 0.43 6.06 9.07
C LEU A 359 -0.66 6.03 8.00
N ALA A 360 -0.86 4.87 7.36
CA ALA A 360 -1.96 4.74 6.41
C ALA A 360 -3.30 4.93 7.09
N ARG A 361 -3.50 4.31 8.26
N ARG A 361 -3.48 4.27 8.24
CA ARG A 361 -4.77 4.45 8.95
CA ARG A 361 -4.70 4.42 9.02
C ARG A 361 -4.98 5.87 9.46
C ARG A 361 -4.95 5.88 9.36
N ALA A 362 -3.91 6.57 9.83
CA ALA A 362 -4.06 7.96 10.24
C ALA A 362 -4.52 8.83 9.07
N GLN A 363 -3.93 8.64 7.89
CA GLN A 363 -4.34 9.43 6.73
C GLN A 363 -5.78 9.15 6.37
N ALA A 364 -6.20 7.90 6.46
CA ALA A 364 -7.59 7.58 6.15
C ALA A 364 -8.54 8.16 7.18
N GLU A 365 -8.22 8.01 8.47
CA GLU A 365 -9.09 8.53 9.52
C GLU A 365 -9.22 10.04 9.43
N ILE A 366 -8.10 10.75 9.27
CA ILE A 366 -8.16 12.20 9.22
C ILE A 366 -8.92 12.68 8.00
N SER A 367 -8.65 12.06 6.84
N SER A 367 -8.66 12.06 6.84
CA SER A 367 -9.30 12.46 5.59
CA SER A 367 -9.30 12.51 5.61
C SER A 367 -10.80 12.26 5.68
C SER A 367 -10.80 12.25 5.65
N ILE A 368 -11.22 11.08 6.13
CA ILE A 368 -12.65 10.77 6.19
C ILE A 368 -13.34 11.67 7.20
N ARG A 369 -12.75 11.83 8.39
CA ARG A 369 -13.38 12.66 9.41
C ARG A 369 -13.56 14.08 8.92
N ARG A 370 -12.51 14.67 8.35
CA ARG A 370 -12.61 16.08 7.99
C ARG A 370 -13.52 16.30 6.80
N VAL A 371 -13.55 15.38 5.83
CA VAL A 371 -14.51 15.50 4.74
C VAL A 371 -15.94 15.44 5.26
N LEU A 372 -16.23 14.48 6.14
CA LEU A 372 -17.61 14.32 6.62
C LEU A 372 -18.02 15.46 7.52
N GLU A 373 -17.07 16.04 8.27
CA GLU A 373 -17.39 17.18 9.12
C GLU A 373 -17.59 18.44 8.30
N ARG A 374 -16.69 18.71 7.35
CA ARG A 374 -16.75 19.97 6.62
C ARG A 374 -17.82 19.95 5.54
N PHE A 375 -18.09 18.79 4.95
CA PHE A 375 -19.03 18.66 3.85
C PHE A 375 -20.06 17.59 4.23
N PRO A 376 -20.95 17.88 5.17
CA PRO A 376 -21.87 16.84 5.64
C PRO A 376 -22.80 16.31 4.57
N ASP A 377 -22.98 17.02 3.46
CA ASP A 377 -23.85 16.58 2.37
C ASP A 377 -23.08 15.87 1.25
N VAL A 378 -21.80 15.55 1.48
CA VAL A 378 -20.99 14.94 0.42
C VAL A 378 -21.65 13.68 -0.09
N ARG A 379 -21.68 13.53 -1.41
CA ARG A 379 -22.29 12.36 -2.03
C ARG A 379 -21.65 12.16 -3.38
N LEU A 380 -21.73 10.93 -3.89
CA LEU A 380 -21.18 10.62 -5.20
C LEU A 380 -21.92 11.41 -6.28
N ALA A 381 -21.17 11.93 -7.25
CA ALA A 381 -21.76 12.69 -8.34
C ALA A 381 -22.23 11.82 -9.50
N VAL A 382 -21.91 10.52 -9.47
CA VAL A 382 -22.27 9.56 -10.51
C VAL A 382 -22.92 8.37 -9.81
N HIS A 383 -23.51 7.50 -10.61
CA HIS A 383 -24.02 6.25 -10.07
C HIS A 383 -22.83 5.31 -9.81
N PRO A 384 -22.90 4.43 -8.81
CA PRO A 384 -21.78 3.50 -8.59
C PRO A 384 -21.33 2.73 -9.82
N SER A 385 -22.26 2.41 -10.72
CA SER A 385 -21.92 1.66 -11.94
C SER A 385 -21.00 2.44 -12.86
N GLU A 386 -20.89 3.75 -12.68
CA GLU A 386 -20.04 4.59 -13.52
C GLU A 386 -18.60 4.64 -13.03
N LEU A 387 -18.31 4.15 -11.83
CA LEU A 387 -16.93 4.12 -11.37
C LEU A 387 -16.14 3.15 -12.22
N ARG A 388 -14.84 3.39 -12.32
CA ARG A 388 -14.00 2.55 -13.16
C ARG A 388 -12.68 2.28 -12.46
N TYR A 389 -12.11 1.12 -12.79
CA TYR A 389 -10.80 0.71 -12.31
C TYR A 389 -9.91 0.41 -13.52
N ARG A 390 -8.62 0.55 -13.31
CA ARG A 390 -7.68 0.09 -14.32
C ARG A 390 -7.08 -1.22 -13.86
N PRO A 391 -6.49 -2.00 -14.78
CA PRO A 391 -5.85 -3.25 -14.36
C PRO A 391 -4.78 -2.99 -13.31
N ALA A 392 -4.72 -3.89 -12.33
CA ALA A 392 -3.87 -3.71 -11.17
C ALA A 392 -3.06 -4.98 -10.91
N LEU A 393 -1.78 -4.80 -10.57
CA LEU A 393 -0.97 -5.89 -10.08
C LEU A 393 -0.66 -5.78 -8.59
N LEU A 394 -0.93 -4.62 -7.98
CA LEU A 394 -0.78 -4.46 -6.54
CA LEU A 394 -0.77 -4.45 -6.54
C LEU A 394 -1.98 -3.73 -5.98
N ALA A 395 -1.92 -2.40 -5.90
CA ALA A 395 -3.01 -1.61 -5.33
C ALA A 395 -4.13 -1.37 -6.34
N ARG A 396 -5.35 -1.19 -5.84
CA ARG A 396 -6.52 -1.10 -6.70
C ARG A 396 -7.57 -0.19 -6.06
N ALA A 397 -8.07 0.77 -6.83
CA ALA A 397 -9.11 1.68 -6.41
C ALA A 397 -9.64 2.42 -7.64
N PRO A 398 -10.80 3.06 -7.54
CA PRO A 398 -11.35 3.74 -8.72
C PRO A 398 -10.42 4.84 -9.24
N VAL A 399 -10.55 5.11 -10.54
CA VAL A 399 -9.72 6.12 -11.22
C VAL A 399 -10.22 7.53 -11.01
N ALA A 400 -11.43 7.69 -10.47
CA ALA A 400 -12.01 9.00 -10.24
C ALA A 400 -13.07 8.83 -9.17
N LEU A 401 -13.21 9.83 -8.31
CA LEU A 401 -14.28 9.87 -7.30
C LEU A 401 -14.95 11.23 -7.34
N PRO A 402 -15.75 11.51 -8.36
CA PRO A 402 -16.42 12.81 -8.46
C PRO A 402 -17.52 12.91 -7.41
N VAL A 403 -17.57 14.05 -6.72
CA VAL A 403 -18.53 14.23 -5.65
C VAL A 403 -19.24 15.56 -5.80
N ARG A 404 -20.37 15.66 -5.11
CA ARG A 404 -21.06 16.90 -4.88
C ARG A 404 -20.90 17.21 -3.41
N LEU A 405 -20.44 18.41 -3.10
CA LEU A 405 -20.19 18.78 -1.70
C LEU A 405 -21.41 19.45 -1.07
#